data_5W6Y
#
_entry.id   5W6Y
#
_cell.length_a   57.764
_cell.length_b   78.408
_cell.length_c   126.028
_cell.angle_alpha   90.00
_cell.angle_beta   90.00
_cell.angle_gamma   90.00
#
_symmetry.space_group_name_H-M   'P 2 21 21'
#
loop_
_entity.id
_entity.type
_entity.pdbx_description
1 polymer 'Chorismate mutase'
2 non-polymer TRYPTOPHAN
3 non-polymer '4-(2-HYDROXYETHYL)-1-PIPERAZINE ETHANESULFONIC ACID'
4 water water
#
_entity_poly.entity_id   1
_entity_poly.type   'polypeptide(L)'
_entity_poly.pdbx_seq_one_letter_code
;MACALSVSGILCASQAATSFSSAKPTKSQPHPVQLKAFVPISQPAALKSASLVVSPSRTSHASVEAETEPFTLANIRESL
IRQEDTIIYALLQRAQFSFNAPTYDENSFSIPGFKGSLVEFMLKETETLHAKVRRYQAPDEHPFFPEDLSQPILPSLPKS
RVLHPAAEKININKSIWSMYLQDLLPKLTVPDDDGNYGSASVCDVLCLQALSKRIHYGKFVAEAKFIEDPARFEGHIKAQ
DGDAILRELTFKNVEDNVKRRVANKARAYGQEVNEHGKVDNARYKIDPDLAGALYEDWVMPLTKQVQVAYLLRRLD
;
_entity_poly.pdbx_strand_id   A,B
#
loop_
_chem_comp.id
_chem_comp.type
_chem_comp.name
_chem_comp.formula
EPE non-polymer '4-(2-HYDROXYETHYL)-1-PIPERAZINE ETHANESULFONIC ACID' 'C8 H18 N2 O4 S'
#
# COMPACT_ATOMS: atom_id res chain seq x y z
N LEU A 73 -5.96 -24.77 -12.10
CA LEU A 73 -5.72 -23.34 -12.07
C LEU A 73 -7.01 -22.61 -12.47
N ALA A 74 -7.94 -22.24 -11.56
CA ALA A 74 -8.03 -22.48 -10.09
C ALA A 74 -6.99 -21.73 -9.27
N ASN A 75 -5.74 -22.18 -9.33
CA ASN A 75 -4.66 -21.53 -8.60
C ASN A 75 -4.54 -20.09 -9.10
N ILE A 76 -5.06 -19.87 -10.30
CA ILE A 76 -5.03 -18.55 -10.93
C ILE A 76 -6.21 -17.73 -10.43
N ARG A 77 -7.35 -18.39 -10.22
CA ARG A 77 -8.53 -17.69 -9.75
C ARG A 77 -8.23 -16.89 -8.48
N GLU A 78 -7.51 -17.50 -7.53
CA GLU A 78 -7.17 -16.85 -6.28
C GLU A 78 -6.17 -15.72 -6.51
N SER A 79 -5.26 -15.92 -7.45
CA SER A 79 -4.30 -14.88 -7.78
CA SER A 79 -4.30 -14.89 -7.82
C SER A 79 -5.02 -13.67 -8.39
N LEU A 80 -5.96 -13.92 -9.30
CA LEU A 80 -6.74 -12.85 -9.92
C LEU A 80 -7.51 -12.04 -8.89
N ILE A 81 -8.12 -12.74 -7.93
CA ILE A 81 -8.86 -12.09 -6.88
C ILE A 81 -7.96 -11.18 -6.04
N ARG A 82 -6.77 -11.63 -5.66
CA ARG A 82 -5.85 -10.77 -4.89
C ARG A 82 -5.43 -9.53 -5.69
N GLN A 83 -5.24 -9.71 -7.00
CA GLN A 83 -4.85 -8.63 -7.88
C GLN A 83 -5.95 -7.60 -7.99
N GLU A 84 -7.19 -8.08 -8.12
CA GLU A 84 -8.36 -7.21 -8.13
C GLU A 84 -8.46 -6.43 -6.81
N ASP A 85 -8.33 -7.15 -5.69
CA ASP A 85 -8.46 -6.53 -4.37
C ASP A 85 -7.39 -5.46 -4.18
N THR A 86 -6.18 -5.75 -4.67
CA THR A 86 -5.07 -4.80 -4.56
C THR A 86 -5.37 -3.53 -5.36
N ILE A 87 -5.91 -3.70 -6.55
CA ILE A 87 -6.30 -2.53 -7.36
C ILE A 87 -7.39 -1.71 -6.66
N ILE A 88 -8.40 -2.39 -6.15
CA ILE A 88 -9.49 -1.68 -5.45
C ILE A 88 -8.98 -0.85 -4.28
N TYR A 89 -8.14 -1.43 -3.44
CA TYR A 89 -7.49 -0.70 -2.35
C TYR A 89 -6.71 0.51 -2.87
N ALA A 90 -5.92 0.30 -3.92
CA ALA A 90 -5.08 1.39 -4.45
C ALA A 90 -5.94 2.56 -4.97
N LEU A 91 -7.01 2.24 -5.71
CA LEU A 91 -7.88 3.27 -6.25
C LEU A 91 -8.57 4.02 -5.11
N LEU A 92 -9.05 3.25 -4.13
CA LEU A 92 -9.70 3.84 -2.97
C LEU A 92 -8.77 4.83 -2.26
N GLN A 93 -7.53 4.42 -2.04
CA GLN A 93 -6.59 5.28 -1.31
C GLN A 93 -6.22 6.52 -2.15
N ARG A 94 -6.04 6.34 -3.46
CA ARG A 94 -5.75 7.47 -4.36
C ARG A 94 -6.92 8.47 -4.34
N ALA A 95 -8.13 7.94 -4.29
CA ALA A 95 -9.34 8.78 -4.27
C ALA A 95 -9.53 9.57 -2.96
N GLN A 96 -8.72 9.28 -1.96
CA GLN A 96 -8.70 10.10 -0.75
C GLN A 96 -8.14 11.50 -1.02
N PHE A 97 -7.44 11.65 -2.15
CA PHE A 97 -6.86 12.96 -2.52
C PHE A 97 -7.50 13.46 -3.83
N SER A 98 -7.38 14.76 -4.08
CA SER A 98 -7.90 15.34 -5.31
C SER A 98 -6.97 15.06 -6.51
N PHE A 99 -7.32 15.59 -7.68
CA PHE A 99 -6.55 15.30 -8.91
C PHE A 99 -5.12 15.80 -8.79
N ASN A 100 -4.95 16.97 -8.18
CA ASN A 100 -3.62 17.51 -7.88
C ASN A 100 -2.74 17.58 -9.13
N ALA A 101 -3.23 18.30 -10.14
CA ALA A 101 -2.61 18.39 -11.46
C ALA A 101 -1.07 18.56 -11.50
N PRO A 102 -0.49 19.37 -10.59
CA PRO A 102 0.97 19.54 -10.76
C PRO A 102 1.79 18.24 -10.64
N THR A 103 1.22 17.21 -9.99
CA THR A 103 1.85 15.91 -9.83
C THR A 103 2.29 15.29 -11.17
N TYR A 104 1.54 15.61 -12.23
CA TYR A 104 1.75 15.03 -13.56
C TYR A 104 2.39 15.99 -14.58
N ASP A 105 2.69 17.20 -14.14
CA ASP A 105 3.14 18.27 -15.05
C ASP A 105 4.58 18.69 -14.79
N GLU A 106 5.50 18.24 -15.66
CA GLU A 106 6.91 18.52 -15.46
C GLU A 106 7.24 20.00 -15.52
N ASN A 107 6.31 20.80 -16.05
CA ASN A 107 6.52 22.25 -16.07
C ASN A 107 5.99 22.93 -14.81
N SER A 108 5.37 22.16 -13.92
CA SER A 108 4.93 22.66 -12.62
C SER A 108 5.98 22.45 -11.53
N PHE A 109 6.83 21.43 -11.70
CA PHE A 109 7.97 21.21 -10.80
C PHE A 109 9.27 20.99 -11.55
N SER A 110 10.34 21.62 -11.08
CA SER A 110 11.67 21.34 -11.63
C SER A 110 12.43 20.40 -10.70
N ILE A 111 12.13 19.10 -10.78
CA ILE A 111 12.81 18.10 -9.96
C ILE A 111 14.29 18.10 -10.26
N PRO A 112 15.11 18.54 -9.29
CA PRO A 112 16.54 18.72 -9.52
C PRO A 112 17.23 17.42 -9.92
N GLY A 113 17.97 17.47 -11.04
CA GLY A 113 18.70 16.32 -11.53
C GLY A 113 17.87 15.31 -12.30
N PHE A 114 16.61 15.65 -12.58
CA PHE A 114 15.66 14.73 -13.23
C PHE A 114 14.75 15.45 -14.22
N LYS A 115 14.64 14.91 -15.42
CA LYS A 115 13.69 15.44 -16.39
C LYS A 115 12.43 14.58 -16.42
N GLY A 116 11.28 15.20 -16.18
CA GLY A 116 10.01 14.49 -16.05
C GLY A 116 9.16 15.01 -14.91
N SER A 117 7.96 14.45 -14.78
CA SER A 117 7.01 14.85 -13.73
C SER A 117 7.29 14.14 -12.40
N LEU A 118 6.58 14.57 -11.37
CA LEU A 118 6.75 13.98 -10.04
C LEU A 118 6.33 12.51 -10.05
N VAL A 119 5.26 12.18 -10.78
CA VAL A 119 4.82 10.78 -10.77
C VAL A 119 5.84 9.90 -11.51
N GLU A 120 6.42 10.44 -12.59
CA GLU A 120 7.46 9.75 -13.33
C GLU A 120 8.68 9.50 -12.43
N PHE A 121 9.05 10.52 -11.68
CA PHE A 121 10.15 10.44 -10.73
C PHE A 121 9.90 9.37 -9.67
N MET A 122 8.74 9.46 -9.04
CA MET A 122 8.39 8.52 -7.97
C MET A 122 8.34 7.08 -8.50
N LEU A 123 7.81 6.91 -9.71
CA LEU A 123 7.73 5.58 -10.32
C LEU A 123 9.11 5.06 -10.70
N LYS A 124 9.90 5.92 -11.32
CA LYS A 124 11.24 5.54 -11.74
C LYS A 124 12.09 5.13 -10.53
N GLU A 125 12.04 5.93 -9.48
CA GLU A 125 12.82 5.65 -8.27
C GLU A 125 12.31 4.38 -7.58
N THR A 126 11.00 4.19 -7.58
CA THR A 126 10.43 2.99 -6.99
C THR A 126 10.88 1.74 -7.75
N GLU A 127 10.89 1.81 -9.09
CA GLU A 127 11.32 0.65 -9.89
C GLU A 127 12.80 0.37 -9.68
N THR A 128 13.58 1.42 -9.45
CA THR A 128 15.00 1.23 -9.19
C THR A 128 15.19 0.41 -7.92
N LEU A 129 14.47 0.77 -6.86
CA LEU A 129 14.57 0.03 -5.61
C LEU A 129 13.99 -1.38 -5.77
N HIS A 130 12.82 -1.49 -6.38
CA HIS A 130 12.20 -2.81 -6.53
C HIS A 130 13.03 -3.74 -7.45
N ALA A 131 13.69 -3.18 -8.46
CA ALA A 131 14.51 -4.01 -9.36
C ALA A 131 15.66 -4.64 -8.58
N LYS A 132 16.24 -3.85 -7.68
CA LYS A 132 17.34 -4.32 -6.85
C LYS A 132 16.95 -5.55 -6.02
N VAL A 133 15.68 -5.66 -5.63
CA VAL A 133 15.25 -6.83 -4.88
C VAL A 133 14.48 -7.80 -5.79
N ARG A 134 14.75 -7.72 -7.10
CA ARG A 134 14.43 -8.76 -8.09
C ARG A 134 12.97 -8.77 -8.55
N ARG A 135 12.25 -7.67 -8.34
CA ARG A 135 10.83 -7.63 -8.71
C ARG A 135 10.59 -8.07 -10.16
N TYR A 136 11.39 -7.56 -11.10
CA TYR A 136 11.08 -7.78 -12.51
C TYR A 136 11.69 -9.09 -13.05
N GLN A 137 12.34 -9.85 -12.18
CA GLN A 137 12.70 -11.23 -12.50
C GLN A 137 11.45 -12.12 -12.46
N ALA A 138 10.41 -11.67 -11.76
CA ALA A 138 9.16 -12.43 -11.69
C ALA A 138 8.40 -12.31 -13.02
N PRO A 139 7.77 -13.41 -13.45
CA PRO A 139 7.10 -13.44 -14.74
C PRO A 139 5.82 -12.58 -14.80
N ASP A 140 5.27 -12.19 -13.65
CA ASP A 140 4.05 -11.37 -13.63
C ASP A 140 4.31 -9.90 -13.33
N GLU A 141 5.58 -9.52 -13.25
CA GLU A 141 5.94 -8.13 -12.91
C GLU A 141 6.61 -7.44 -14.10
N HIS A 142 6.04 -6.32 -14.57
CA HIS A 142 6.52 -5.68 -15.79
C HIS A 142 6.90 -4.23 -15.52
N PRO A 143 8.13 -3.85 -15.86
CA PRO A 143 8.58 -2.49 -15.54
C PRO A 143 7.98 -1.45 -16.49
N PHE A 144 7.68 -0.25 -15.97
CA PHE A 144 7.28 0.86 -16.84
C PHE A 144 8.50 1.53 -17.48
N PHE A 145 9.65 1.36 -16.84
CA PHE A 145 10.90 1.88 -17.40
C PHE A 145 11.87 0.72 -17.69
N PRO A 146 11.58 -0.08 -18.73
CA PRO A 146 12.41 -1.27 -19.00
C PRO A 146 13.86 -0.93 -19.38
N GLU A 147 14.09 0.26 -19.91
CA GLU A 147 15.43 0.67 -20.32
C GLU A 147 16.27 1.19 -19.16
N ASP A 148 15.71 1.16 -17.95
CA ASP A 148 16.42 1.66 -16.78
C ASP A 148 16.45 0.63 -15.65
N LEU A 149 16.42 -0.65 -15.99
CA LEU A 149 16.43 -1.70 -14.98
C LEU A 149 17.72 -1.72 -14.16
N SER A 150 17.60 -1.50 -12.86
CA SER A 150 18.79 -1.52 -11.99
CA SER A 150 18.76 -1.53 -11.96
C SER A 150 19.20 -2.96 -11.68
N GLN A 151 20.50 -3.16 -11.44
CA GLN A 151 21.03 -4.49 -11.13
C GLN A 151 20.52 -4.99 -9.78
N PRO A 152 20.14 -6.27 -9.71
CA PRO A 152 19.73 -6.88 -8.43
C PRO A 152 20.85 -6.97 -7.41
N ILE A 153 20.50 -6.90 -6.13
CA ILE A 153 21.45 -7.04 -5.02
C ILE A 153 21.18 -8.31 -4.20
N LEU A 154 20.17 -9.07 -4.60
CA LEU A 154 19.89 -10.37 -4.02
C LEU A 154 20.18 -11.48 -5.03
N PRO A 155 20.52 -12.70 -4.55
CA PRO A 155 20.73 -13.84 -5.45
C PRO A 155 19.50 -14.08 -6.33
N SER A 156 19.71 -14.35 -7.60
CA SER A 156 18.60 -14.49 -8.54
C SER A 156 17.68 -15.66 -8.18
N LEU A 157 16.37 -15.45 -8.36
CA LEU A 157 15.41 -16.53 -8.24
C LEU A 157 15.45 -17.35 -9.52
N PRO A 158 15.01 -18.62 -9.46
CA PRO A 158 14.89 -19.42 -10.68
C PRO A 158 13.95 -18.73 -11.68
N LYS A 159 14.32 -18.68 -12.95
CA LYS A 159 13.46 -18.05 -13.96
C LYS A 159 12.22 -18.90 -14.24
N SER A 160 11.06 -18.28 -14.35
CA SER A 160 9.82 -19.01 -14.54
C SER A 160 9.73 -19.62 -15.95
N ARG A 161 9.20 -20.85 -16.01
CA ARG A 161 9.07 -21.58 -17.27
C ARG A 161 7.60 -21.79 -17.67
N VAL A 162 6.69 -21.15 -16.93
CA VAL A 162 5.25 -21.40 -17.13
C VAL A 162 4.74 -20.91 -18.47
N LEU A 163 5.12 -19.69 -18.86
CA LEU A 163 4.62 -19.10 -20.10
C LEU A 163 5.45 -19.47 -21.32
N HIS A 164 4.83 -19.43 -22.50
CA HIS A 164 5.51 -19.65 -23.77
C HIS A 164 6.56 -18.56 -24.00
N PRO A 165 7.83 -18.95 -24.18
CA PRO A 165 8.92 -17.97 -24.21
C PRO A 165 8.74 -16.90 -25.28
N ALA A 166 8.18 -17.26 -26.42
CA ALA A 166 7.99 -16.31 -27.52
C ALA A 166 6.83 -15.33 -27.26
N ALA A 167 5.91 -15.72 -26.38
CA ALA A 167 4.71 -14.93 -26.15
C ALA A 167 4.78 -14.16 -24.84
N GLU A 168 5.77 -14.49 -24.01
CA GLU A 168 5.80 -13.96 -22.65
C GLU A 168 6.37 -12.55 -22.59
N LYS A 169 6.97 -12.09 -23.68
CA LYS A 169 7.70 -10.82 -23.65
C LYS A 169 6.81 -9.57 -23.74
N ILE A 170 5.54 -9.78 -24.08
CA ILE A 170 4.54 -8.70 -24.14
C ILE A 170 4.63 -7.77 -22.93
N ASN A 171 4.72 -6.47 -23.20
CA ASN A 171 4.69 -5.45 -22.15
C ASN A 171 3.93 -4.24 -22.71
N ILE A 172 2.69 -4.04 -22.26
CA ILE A 172 1.90 -2.92 -22.76
C ILE A 172 1.73 -1.82 -21.72
N ASN A 173 2.72 -1.67 -20.84
CA ASN A 173 2.71 -0.61 -19.83
C ASN A 173 2.54 0.81 -20.39
N LYS A 174 3.00 1.06 -21.60
CA LYS A 174 2.80 2.39 -22.17
C LYS A 174 1.29 2.68 -22.29
N SER A 175 0.53 1.67 -22.68
CA SER A 175 -0.93 1.76 -22.77
C SER A 175 -1.58 1.88 -21.41
N ILE A 176 -1.02 1.19 -20.42
CA ILE A 176 -1.59 1.21 -19.08
C ILE A 176 -1.32 2.58 -18.42
N TRP A 177 -0.14 3.12 -18.67
CA TRP A 177 0.21 4.47 -18.22
C TRP A 177 -0.80 5.52 -18.71
N SER A 178 -1.06 5.54 -20.01
CA SER A 178 -1.97 6.52 -20.59
CA SER A 178 -1.95 6.54 -20.56
C SER A 178 -3.40 6.29 -20.13
N MET A 179 -3.77 5.03 -20.00
CA MET A 179 -5.11 4.71 -19.52
C MET A 179 -5.34 5.26 -18.12
N TYR A 180 -4.39 4.99 -17.22
CA TYR A 180 -4.55 5.41 -15.85
C TYR A 180 -4.57 6.94 -15.75
N LEU A 181 -3.58 7.61 -16.34
CA LEU A 181 -3.46 9.06 -16.20
C LEU A 181 -4.56 9.82 -16.92
N GLN A 182 -4.98 9.32 -18.08
CA GLN A 182 -5.92 10.07 -18.91
C GLN A 182 -7.36 9.57 -18.84
N ASP A 183 -7.57 8.25 -18.81
CA ASP A 183 -8.94 7.72 -18.82
C ASP A 183 -9.53 7.46 -17.44
N LEU A 184 -8.69 7.01 -16.50
CA LEU A 184 -9.19 6.59 -15.20
C LEU A 184 -9.09 7.72 -14.17
N LEU A 185 -7.85 8.12 -13.88
CA LEU A 185 -7.60 9.08 -12.80
C LEU A 185 -8.46 10.35 -12.86
N PRO A 186 -8.61 10.97 -14.06
CA PRO A 186 -9.42 12.19 -14.10
C PRO A 186 -10.90 11.97 -13.76
N LYS A 187 -11.42 10.76 -13.97
CA LYS A 187 -12.80 10.47 -13.60
C LYS A 187 -12.90 10.05 -12.14
N LEU A 188 -11.80 9.51 -11.62
CA LEU A 188 -11.76 8.98 -10.27
C LEU A 188 -11.73 10.06 -9.19
N THR A 189 -11.13 11.20 -9.52
CA THR A 189 -10.85 12.25 -8.54
C THR A 189 -11.55 13.57 -8.82
N VAL A 190 -11.67 14.40 -7.80
CA VAL A 190 -12.14 15.78 -7.94
C VAL A 190 -11.03 16.61 -8.57
N PRO A 191 -11.36 17.42 -9.58
CA PRO A 191 -10.32 18.07 -10.39
C PRO A 191 -9.48 19.12 -9.67
N ASP A 192 -9.83 19.53 -8.45
CA ASP A 192 -9.04 20.56 -7.79
C ASP A 192 -7.70 20.01 -7.26
N ASP A 193 -6.96 20.85 -6.54
CA ASP A 193 -5.62 20.53 -6.05
C ASP A 193 -5.56 20.74 -4.55
N ASP A 194 -5.35 19.68 -3.78
CA ASP A 194 -5.27 19.84 -2.33
C ASP A 194 -3.82 19.92 -1.86
N GLY A 195 -2.88 19.94 -2.79
CA GLY A 195 -1.47 20.16 -2.48
C GLY A 195 -0.68 18.96 -1.99
N ASN A 196 -1.33 17.80 -1.87
CA ASN A 196 -0.67 16.59 -1.41
C ASN A 196 -0.03 15.82 -2.56
N TYR A 197 0.99 16.43 -3.18
CA TYR A 197 1.59 15.86 -4.38
C TYR A 197 2.37 14.59 -4.05
N GLY A 198 3.05 14.60 -2.91
CA GLY A 198 3.79 13.44 -2.46
C GLY A 198 2.88 12.24 -2.25
N SER A 199 1.84 12.41 -1.45
CA SER A 199 0.91 11.31 -1.19
C SER A 199 0.24 10.84 -2.47
N ALA A 200 -0.17 11.80 -3.31
CA ALA A 200 -0.85 11.42 -4.53
C ALA A 200 0.04 10.56 -5.43
N SER A 201 1.29 10.99 -5.60
CA SER A 201 2.17 10.29 -6.52
C SER A 201 2.50 8.88 -6.02
N VAL A 202 2.62 8.73 -4.70
CA VAL A 202 2.89 7.41 -4.14
C VAL A 202 1.66 6.49 -4.33
N CYS A 203 0.46 7.06 -4.15
CA CYS A 203 -0.74 6.30 -4.46
C CYS A 203 -0.79 5.93 -5.95
N ASP A 204 -0.38 6.86 -6.81
CA ASP A 204 -0.36 6.64 -8.26
C ASP A 204 0.53 5.45 -8.63
N VAL A 205 1.71 5.41 -8.04
CA VAL A 205 2.68 4.33 -8.30
C VAL A 205 2.07 2.99 -7.91
N LEU A 206 1.42 2.93 -6.75
CA LEU A 206 0.75 1.69 -6.32
C LEU A 206 -0.35 1.30 -7.31
N CYS A 207 -1.16 2.27 -7.72
CA CYS A 207 -2.19 1.99 -8.75
C CYS A 207 -1.57 1.42 -10.01
N LEU A 208 -0.52 2.07 -10.50
CA LEU A 208 0.09 1.67 -11.76
C LEU A 208 0.66 0.25 -11.70
N GLN A 209 1.35 -0.06 -10.61
CA GLN A 209 1.96 -1.37 -10.46
C GLN A 209 0.91 -2.48 -10.28
N ALA A 210 -0.17 -2.18 -9.55
CA ALA A 210 -1.26 -3.14 -9.38
C ALA A 210 -2.06 -3.32 -10.68
N LEU A 211 -2.35 -2.23 -11.39
CA LEU A 211 -3.00 -2.33 -12.68
C LEU A 211 -2.16 -3.16 -13.68
N SER A 212 -0.86 -2.90 -13.71
CA SER A 212 0.03 -3.60 -14.62
C SER A 212 0.01 -5.10 -14.33
N LYS A 213 0.10 -5.48 -13.05
CA LYS A 213 0.14 -6.90 -12.73
C LYS A 213 -1.15 -7.61 -13.14
N ARG A 214 -2.29 -7.03 -12.78
CA ARG A 214 -3.60 -7.62 -13.16
C ARG A 214 -3.76 -7.74 -14.68
N ILE A 215 -3.45 -6.66 -15.38
CA ILE A 215 -3.68 -6.60 -16.82
C ILE A 215 -2.77 -7.61 -17.54
N HIS A 216 -1.48 -7.66 -17.18
CA HIS A 216 -0.58 -8.60 -17.82
C HIS A 216 -0.81 -10.03 -17.38
N TYR A 217 -1.57 -10.24 -16.30
CA TYR A 217 -1.83 -11.61 -15.85
C TYR A 217 -2.73 -12.35 -16.87
N GLY A 218 -3.25 -11.60 -17.83
CA GLY A 218 -3.92 -12.18 -18.98
C GLY A 218 -3.07 -13.25 -19.69
N LYS A 219 -1.75 -13.13 -19.59
CA LYS A 219 -0.86 -14.12 -20.19
C LYS A 219 -1.05 -15.48 -19.55
N PHE A 220 -1.19 -15.48 -18.23
CA PHE A 220 -1.37 -16.71 -17.47
C PHE A 220 -2.75 -17.26 -17.68
N VAL A 221 -3.75 -16.40 -17.70
CA VAL A 221 -5.10 -16.92 -17.91
CA VAL A 221 -5.14 -16.79 -17.97
C VAL A 221 -5.27 -17.44 -19.34
N ALA A 222 -4.65 -16.79 -20.34
CA ALA A 222 -4.69 -17.28 -21.71
C ALA A 222 -3.93 -18.61 -21.86
N GLU A 223 -2.77 -18.72 -21.21
CA GLU A 223 -2.01 -19.96 -21.23
C GLU A 223 -2.85 -21.12 -20.67
N ALA A 224 -3.53 -20.87 -19.55
CA ALA A 224 -4.41 -21.86 -18.95
C ALA A 224 -5.52 -22.29 -19.93
N LYS A 225 -6.17 -21.30 -20.55
CA LYS A 225 -7.26 -21.60 -21.46
C LYS A 225 -6.73 -22.39 -22.66
N PHE A 226 -5.55 -22.01 -23.13
CA PHE A 226 -4.96 -22.69 -24.28
C PHE A 226 -4.63 -24.16 -23.97
N ILE A 227 -3.97 -24.38 -22.84
CA ILE A 227 -3.44 -25.71 -22.49
C ILE A 227 -4.57 -26.73 -22.30
N GLU A 228 -5.71 -26.23 -21.84
CA GLU A 228 -6.90 -27.04 -21.66
C GLU A 228 -7.36 -27.73 -22.97
N ASP A 229 -7.17 -27.06 -24.10
CA ASP A 229 -7.66 -27.58 -25.38
C ASP A 229 -6.99 -26.84 -26.54
N PRO A 230 -5.71 -27.14 -26.80
CA PRO A 230 -4.95 -26.34 -27.77
C PRO A 230 -5.63 -26.23 -29.13
N ALA A 231 -6.15 -27.35 -29.65
CA ALA A 231 -6.80 -27.37 -30.97
C ALA A 231 -7.91 -26.32 -31.08
N ARG A 232 -8.50 -25.96 -29.95
CA ARG A 232 -9.53 -24.93 -29.94
C ARG A 232 -9.01 -23.59 -30.51
N PHE A 233 -7.72 -23.33 -30.29
CA PHE A 233 -7.10 -22.05 -30.71
C PHE A 233 -6.11 -22.16 -31.87
N GLU A 234 -5.50 -23.34 -32.03
CA GLU A 234 -4.39 -23.51 -32.97
C GLU A 234 -4.74 -23.10 -34.40
N GLY A 235 -5.97 -23.32 -34.83
CA GLY A 235 -6.38 -22.89 -36.17
C GLY A 235 -6.45 -21.37 -36.31
N HIS A 236 -7.05 -20.74 -35.32
CA HIS A 236 -7.13 -19.28 -35.29
C HIS A 236 -5.73 -18.65 -35.23
N ILE A 237 -4.86 -19.24 -34.40
CA ILE A 237 -3.51 -18.72 -34.23
C ILE A 237 -2.73 -18.79 -35.54
N LYS A 238 -2.74 -19.95 -36.20
CA LYS A 238 -2.04 -20.10 -37.48
C LYS A 238 -2.50 -19.04 -38.48
N ALA A 239 -3.78 -18.68 -38.41
CA ALA A 239 -4.36 -17.68 -39.30
C ALA A 239 -4.14 -16.25 -38.81
N GLN A 240 -3.53 -16.10 -37.62
CA GLN A 240 -3.43 -14.79 -36.94
C GLN A 240 -4.78 -14.06 -36.88
N ASP A 241 -5.80 -14.85 -36.55
CA ASP A 241 -7.18 -14.39 -36.56
C ASP A 241 -7.56 -13.92 -35.15
N GLY A 242 -7.19 -12.69 -34.82
CA GLY A 242 -7.37 -12.16 -33.48
C GLY A 242 -8.82 -12.08 -33.08
N ASP A 243 -9.68 -11.72 -34.03
CA ASP A 243 -11.11 -11.65 -33.75
C ASP A 243 -11.67 -13.00 -33.34
N ALA A 244 -11.26 -14.05 -34.05
CA ALA A 244 -11.72 -15.40 -33.74
C ALA A 244 -11.20 -15.87 -32.38
N ILE A 245 -9.93 -15.58 -32.10
CA ILE A 245 -9.34 -15.89 -30.79
C ILE A 245 -10.17 -15.23 -29.67
N LEU A 246 -10.49 -13.95 -29.85
CA LEU A 246 -11.30 -13.24 -28.86
C LEU A 246 -12.63 -13.95 -28.62
N ARG A 247 -13.29 -14.35 -29.71
CA ARG A 247 -14.58 -15.03 -29.61
C ARG A 247 -14.50 -16.42 -28.98
N GLU A 248 -13.33 -17.05 -29.02
CA GLU A 248 -13.14 -18.37 -28.41
C GLU A 248 -12.82 -18.26 -26.93
N LEU A 249 -12.40 -17.07 -26.52
CA LEU A 249 -12.13 -16.81 -25.11
C LEU A 249 -13.44 -16.67 -24.35
N THR A 250 -13.60 -17.45 -23.30
CA THR A 250 -14.74 -17.24 -22.43
C THR A 250 -14.31 -16.40 -21.24
N PHE A 251 -15.23 -15.54 -20.78
CA PHE A 251 -14.98 -14.70 -19.62
C PHE A 251 -16.06 -14.94 -18.58
N LYS A 252 -15.74 -15.81 -17.63
CA LYS A 252 -16.67 -16.22 -16.59
C LYS A 252 -16.06 -15.97 -15.23
N ASN A 253 -16.81 -16.35 -14.20
CA ASN A 253 -16.48 -16.11 -12.80
C ASN A 253 -15.83 -14.74 -12.57
N VAL A 254 -14.54 -14.71 -12.27
CA VAL A 254 -13.88 -13.45 -11.90
C VAL A 254 -13.79 -12.54 -13.13
N GLU A 255 -13.88 -13.13 -14.32
CA GLU A 255 -13.80 -12.33 -15.54
C GLU A 255 -15.16 -11.77 -15.96
N ASP A 256 -16.16 -11.91 -15.10
CA ASP A 256 -17.52 -11.44 -15.39
C ASP A 256 -18.13 -10.77 -14.16
N ASN A 257 -19.23 -10.06 -14.33
CA ASN A 257 -19.93 -9.38 -13.24
C ASN A 257 -18.98 -8.47 -12.47
N VAL A 258 -18.04 -7.88 -13.21
CA VAL A 258 -16.94 -7.14 -12.62
C VAL A 258 -17.39 -5.84 -11.93
N LYS A 259 -18.22 -5.07 -12.60
CA LYS A 259 -18.64 -3.77 -12.09
C LYS A 259 -19.25 -3.87 -10.69
N ARG A 260 -20.26 -4.73 -10.55
CA ARG A 260 -20.95 -4.88 -9.27
C ARG A 260 -20.06 -5.48 -8.17
N ARG A 261 -19.25 -6.45 -8.53
CA ARG A 261 -18.38 -7.09 -7.56
C ARG A 261 -17.35 -6.09 -7.02
N VAL A 262 -16.73 -5.33 -7.93
CA VAL A 262 -15.74 -4.33 -7.56
C VAL A 262 -16.39 -3.22 -6.73
N ALA A 263 -17.56 -2.77 -7.15
CA ALA A 263 -18.29 -1.75 -6.38
C ALA A 263 -18.55 -2.25 -4.96
N ASN A 264 -19.01 -3.49 -4.84
CA ASN A 264 -19.35 -4.04 -3.52
C ASN A 264 -18.12 -4.12 -2.61
N LYS A 265 -16.97 -4.52 -3.16
CA LYS A 265 -15.75 -4.58 -2.38
C LYS A 265 -15.24 -3.20 -1.95
N ALA A 266 -15.43 -2.20 -2.80
CA ALA A 266 -15.01 -0.84 -2.46
C ALA A 266 -15.83 -0.32 -1.30
N ARG A 267 -17.14 -0.52 -1.39
CA ARG A 267 -18.06 -0.19 -0.31
C ARG A 267 -17.71 -0.91 1.00
N ALA A 268 -17.27 -2.16 0.90
CA ALA A 268 -17.03 -2.98 2.08
C ALA A 268 -15.68 -2.69 2.75
N TYR A 269 -14.76 -2.03 2.06
CA TYR A 269 -13.46 -1.76 2.64
C TYR A 269 -13.60 -0.96 3.95
N GLY A 270 -12.93 -1.43 5.01
CA GLY A 270 -12.95 -0.76 6.31
C GLY A 270 -14.11 -1.19 7.22
N GLN A 271 -14.95 -2.09 6.75
CA GLN A 271 -16.09 -2.52 7.56
C GLN A 271 -15.73 -3.63 8.52
N GLU A 272 -16.41 -3.69 9.67
CA GLU A 272 -16.33 -4.87 10.53
C GLU A 272 -16.96 -6.04 9.81
N VAL A 273 -16.59 -7.25 10.21
CA VAL A 273 -17.23 -8.43 9.68
C VAL A 273 -18.75 -8.31 9.83
N ASN A 274 -19.46 -8.51 8.72
CA ASN A 274 -20.91 -8.47 8.69
C ASN A 274 -21.49 -7.12 9.12
N GLU A 275 -20.71 -6.06 9.00
CA GLU A 275 -21.20 -4.71 9.22
C GLU A 275 -21.68 -4.12 7.90
N HIS A 276 -22.94 -3.72 7.87
CA HIS A 276 -23.51 -3.24 6.63
C HIS A 276 -24.00 -1.81 6.81
N GLY A 277 -23.23 -0.86 6.29
CA GLY A 277 -23.54 0.53 6.51
C GLY A 277 -24.36 1.13 5.38
N LYS A 278 -25.13 2.16 5.69
CA LYS A 278 -25.83 2.89 4.66
C LYS A 278 -24.80 3.84 3.99
N VAL A 279 -25.11 4.23 2.77
CA VAL A 279 -24.23 5.11 1.99
C VAL A 279 -24.00 6.43 2.73
N ASP A 280 -24.96 6.77 3.57
CA ASP A 280 -24.95 7.94 4.38
C ASP A 280 -23.71 8.08 5.30
N ASN A 281 -23.25 6.96 5.80
CA ASN A 281 -22.12 6.92 6.71
C ASN A 281 -20.82 6.36 6.12
N ALA A 282 -20.59 6.48 4.80
CA ALA A 282 -19.33 6.01 4.21
C ALA A 282 -18.13 6.81 4.74
N ARG A 283 -17.04 6.11 5.07
CA ARG A 283 -15.92 6.79 5.71
C ARG A 283 -14.81 7.13 4.71
N TYR A 284 -14.91 6.59 3.50
CA TYR A 284 -13.96 6.92 2.45
C TYR A 284 -14.60 7.70 1.32
N LYS A 285 -13.79 8.49 0.63
CA LYS A 285 -14.29 9.40 -0.40
C LYS A 285 -14.72 8.73 -1.71
N ILE A 286 -14.10 7.61 -2.08
CA ILE A 286 -14.35 7.05 -3.41
C ILE A 286 -15.82 6.65 -3.60
N ASP A 287 -16.35 6.94 -4.77
CA ASP A 287 -17.68 6.49 -5.16
C ASP A 287 -17.57 5.03 -5.62
N PRO A 288 -18.16 4.09 -4.86
CA PRO A 288 -18.03 2.64 -5.11
C PRO A 288 -18.56 2.21 -6.47
N ASP A 289 -19.70 2.75 -6.89
CA ASP A 289 -20.27 2.42 -8.19
C ASP A 289 -19.36 2.93 -9.31
N LEU A 290 -18.82 4.13 -9.11
CA LEU A 290 -17.85 4.69 -10.05
C LEU A 290 -16.59 3.82 -10.16
N ALA A 291 -16.04 3.40 -9.01
CA ALA A 291 -14.89 2.51 -9.00
C ALA A 291 -15.16 1.25 -9.83
N GLY A 292 -16.34 0.66 -9.65
CA GLY A 292 -16.69 -0.54 -10.38
C GLY A 292 -16.81 -0.30 -11.89
N ALA A 293 -17.43 0.83 -12.27
CA ALA A 293 -17.59 1.17 -13.67
C ALA A 293 -16.23 1.48 -14.33
N LEU A 294 -15.37 2.21 -13.62
CA LEU A 294 -14.04 2.50 -14.13
C LEU A 294 -13.20 1.23 -14.34
N TYR A 295 -13.30 0.29 -13.41
CA TYR A 295 -12.55 -0.96 -13.50
C TYR A 295 -13.00 -1.78 -14.71
N GLU A 296 -14.32 -1.91 -14.87
CA GLU A 296 -14.90 -2.66 -15.97
C GLU A 296 -14.60 -1.98 -17.31
N ASP A 297 -14.74 -0.66 -17.34
CA ASP A 297 -14.60 0.10 -18.59
C ASP A 297 -13.17 0.21 -19.10
N TRP A 298 -12.21 0.36 -18.20
CA TRP A 298 -10.86 0.74 -18.63
C TRP A 298 -9.81 -0.31 -18.30
N VAL A 299 -10.05 -1.11 -17.27
CA VAL A 299 -9.09 -2.14 -16.91
C VAL A 299 -9.36 -3.44 -17.70
N MET A 300 -10.61 -3.89 -17.72
CA MET A 300 -10.92 -5.18 -18.34
C MET A 300 -10.61 -5.29 -19.86
N PRO A 301 -10.87 -4.21 -20.65
CA PRO A 301 -10.54 -4.37 -22.08
C PRO A 301 -9.05 -4.61 -22.35
N LEU A 302 -8.20 -4.03 -21.52
CA LEU A 302 -6.76 -4.15 -21.73
C LEU A 302 -6.30 -5.56 -21.41
N THR A 303 -6.88 -6.17 -20.38
CA THR A 303 -6.45 -7.51 -20.04
C THR A 303 -6.96 -8.55 -21.05
N LYS A 304 -8.06 -8.27 -21.74
CA LYS A 304 -8.49 -9.17 -22.83
C LYS A 304 -7.55 -9.00 -24.03
N GLN A 305 -7.13 -7.77 -24.28
CA GLN A 305 -6.17 -7.52 -25.35
C GLN A 305 -4.89 -8.29 -25.09
N VAL A 306 -4.51 -8.41 -23.83
CA VAL A 306 -3.29 -9.15 -23.52
C VAL A 306 -3.48 -10.65 -23.80
N GLN A 307 -4.63 -11.18 -23.42
CA GLN A 307 -4.94 -12.58 -23.70
C GLN A 307 -4.88 -12.86 -25.20
N VAL A 308 -5.48 -11.98 -26.00
CA VAL A 308 -5.46 -12.16 -27.45
C VAL A 308 -4.03 -12.04 -28.00
N ALA A 309 -3.28 -11.04 -27.51
CA ALA A 309 -1.91 -10.83 -27.98
C ALA A 309 -1.04 -12.03 -27.63
N TYR A 310 -1.24 -12.59 -26.44
CA TYR A 310 -0.47 -13.75 -26.01
C TYR A 310 -0.74 -14.93 -26.95
N LEU A 311 -2.01 -15.22 -27.21
CA LEU A 311 -2.34 -16.39 -28.03
C LEU A 311 -1.90 -16.22 -29.50
N LEU A 312 -1.98 -15.01 -30.02
CA LEU A 312 -1.46 -14.72 -31.37
C LEU A 312 0.02 -15.13 -31.49
N ARG A 313 0.78 -15.03 -30.40
CA ARG A 313 2.21 -15.38 -30.41
C ARG A 313 2.52 -16.77 -29.84
N ARG A 314 1.48 -17.53 -29.51
CA ARG A 314 1.63 -18.78 -28.76
C ARG A 314 2.25 -19.92 -29.59
N LEU A 315 2.25 -19.79 -30.91
CA LEU A 315 2.95 -20.76 -31.75
C LEU A 315 4.18 -20.16 -32.41
N ASP A 316 4.66 -19.02 -31.89
CA ASP A 316 5.85 -18.39 -32.43
C ASP A 316 7.06 -19.15 -31.93
N GLU B 69 -8.23 22.45 9.34
CA GLU B 69 -9.24 21.41 9.26
C GLU B 69 -8.76 20.04 9.76
N PRO B 70 -7.70 19.47 9.14
CA PRO B 70 -7.39 18.05 9.41
C PRO B 70 -7.14 17.71 10.89
N PHE B 71 -6.92 18.72 11.72
CA PHE B 71 -6.60 18.47 13.13
C PHE B 71 -7.57 19.12 14.13
N THR B 72 -8.87 19.15 13.79
CA THR B 72 -9.94 19.31 14.78
C THR B 72 -10.19 17.95 15.42
N LEU B 73 -10.81 17.92 16.61
CA LEU B 73 -10.99 16.64 17.32
C LEU B 73 -11.77 15.65 16.47
N ALA B 74 -12.82 16.13 15.82
CA ALA B 74 -13.67 15.25 15.03
C ALA B 74 -12.92 14.70 13.81
N ASN B 75 -12.17 15.56 13.12
CA ASN B 75 -11.41 15.09 11.95
C ASN B 75 -10.32 14.11 12.35
N ILE B 76 -9.70 14.35 13.50
CA ILE B 76 -8.65 13.47 13.99
C ILE B 76 -9.22 12.10 14.35
N ARG B 77 -10.38 12.12 14.99
CA ARG B 77 -11.06 10.90 15.36
C ARG B 77 -11.31 10.04 14.13
N GLU B 78 -11.76 10.68 13.05
CA GLU B 78 -12.08 9.90 11.86
C GLU B 78 -10.79 9.42 11.17
N SER B 79 -9.75 10.24 11.19
CA SER B 79 -8.46 9.79 10.68
C SER B 79 -7.95 8.56 11.43
N LEU B 80 -8.02 8.58 12.77
CA LEU B 80 -7.57 7.43 13.57
C LEU B 80 -8.30 6.14 13.16
N ILE B 81 -9.58 6.28 12.86
CA ILE B 81 -10.38 5.11 12.51
C ILE B 81 -10.04 4.63 11.08
N ARG B 82 -9.73 5.56 10.19
CA ARG B 82 -9.22 5.16 8.86
C ARG B 82 -7.87 4.44 9.00
N GLN B 83 -7.03 4.92 9.92
CA GLN B 83 -5.72 4.31 10.14
C GLN B 83 -5.80 2.90 10.73
N GLU B 84 -6.90 2.58 11.44
CA GLU B 84 -7.14 1.19 11.84
C GLU B 84 -7.14 0.31 10.59
N ASP B 85 -7.91 0.73 9.58
CA ASP B 85 -8.02 0.02 8.32
C ASP B 85 -6.68 -0.11 7.64
N THR B 86 -5.97 1.01 7.55
CA THR B 86 -4.65 1.01 6.91
C THR B 86 -3.67 0.03 7.55
N ILE B 87 -3.64 0.01 8.87
CA ILE B 87 -2.76 -0.88 9.62
C ILE B 87 -3.11 -2.36 9.45
N ILE B 88 -4.38 -2.69 9.62
CA ILE B 88 -4.85 -4.06 9.45
C ILE B 88 -4.56 -4.56 8.02
N TYR B 89 -4.77 -3.69 7.04
CA TYR B 89 -4.55 -4.08 5.64
C TYR B 89 -3.06 -4.29 5.37
N ALA B 90 -2.23 -3.42 5.93
CA ALA B 90 -0.77 -3.55 5.79
C ALA B 90 -0.26 -4.86 6.38
N LEU B 91 -0.81 -5.21 7.54
CA LEU B 91 -0.43 -6.45 8.21
C LEU B 91 -0.86 -7.65 7.37
N LEU B 92 -2.09 -7.59 6.87
CA LEU B 92 -2.61 -8.59 5.93
C LEU B 92 -1.69 -8.80 4.73
N GLN B 93 -1.21 -7.71 4.14
CA GLN B 93 -0.30 -7.83 3.00
C GLN B 93 1.00 -8.52 3.42
N ARG B 94 1.57 -8.11 4.55
CA ARG B 94 2.82 -8.73 5.01
C ARG B 94 2.62 -10.23 5.28
N ALA B 95 1.45 -10.59 5.81
CA ALA B 95 1.19 -11.96 6.25
C ALA B 95 0.97 -12.92 5.06
N GLN B 96 0.95 -12.38 3.86
CA GLN B 96 0.90 -13.19 2.64
C GLN B 96 2.24 -13.87 2.38
N PHE B 97 3.28 -13.46 3.11
CA PHE B 97 4.62 -14.02 2.94
C PHE B 97 5.13 -14.55 4.28
N SER B 98 6.08 -15.48 4.22
CA SER B 98 6.58 -16.09 5.44
C SER B 98 7.50 -15.13 6.17
N PHE B 99 7.97 -15.54 7.34
CA PHE B 99 8.85 -14.70 8.14
C PHE B 99 10.10 -14.28 7.34
N ASN B 100 10.66 -15.23 6.58
CA ASN B 100 11.82 -14.95 5.72
C ASN B 100 12.96 -14.30 6.49
N ALA B 101 13.49 -15.03 7.47
CA ALA B 101 14.50 -14.54 8.40
C ALA B 101 15.71 -13.82 7.78
N PRO B 102 16.22 -14.28 6.60
CA PRO B 102 17.37 -13.53 6.08
C PRO B 102 17.09 -12.03 5.83
N THR B 103 15.83 -11.66 5.72
CA THR B 103 15.45 -10.26 5.52
C THR B 103 15.96 -9.37 6.67
N TYR B 104 16.10 -9.96 7.86
CA TYR B 104 16.37 -9.17 9.07
C TYR B 104 17.77 -9.41 9.61
N ASP B 105 18.56 -10.16 8.86
CA ASP B 105 19.92 -10.50 9.27
C ASP B 105 20.96 -9.68 8.51
N GLU B 106 21.80 -8.94 9.24
CA GLU B 106 22.90 -8.17 8.66
C GLU B 106 23.85 -9.01 7.78
N ASN B 107 24.00 -10.29 8.11
CA ASN B 107 25.00 -11.13 7.45
C ASN B 107 24.52 -11.86 6.21
N SER B 108 23.23 -11.72 5.91
CA SER B 108 22.61 -12.55 4.89
C SER B 108 23.02 -12.18 3.47
N PHE B 109 23.02 -10.89 3.13
CA PHE B 109 23.27 -10.50 1.76
C PHE B 109 24.45 -9.56 1.59
N SER B 110 24.96 -9.46 0.36
CA SER B 110 26.09 -8.60 0.06
C SER B 110 25.68 -7.28 -0.59
N ILE B 111 25.13 -6.37 0.21
CA ILE B 111 24.71 -5.08 -0.29
C ILE B 111 25.93 -4.18 -0.40
N PRO B 112 26.31 -3.84 -1.64
CA PRO B 112 27.49 -3.01 -1.87
C PRO B 112 27.33 -1.62 -1.26
N GLY B 113 28.29 -1.24 -0.42
CA GLY B 113 28.31 0.08 0.18
C GLY B 113 27.31 0.26 1.30
N PHE B 114 26.80 -0.84 1.83
CA PHE B 114 25.79 -0.76 2.87
C PHE B 114 26.01 -1.79 3.98
N LYS B 115 25.94 -1.33 5.23
CA LYS B 115 26.01 -2.22 6.38
C LYS B 115 24.66 -2.23 7.09
N GLY B 116 24.07 -3.42 7.21
CA GLY B 116 22.75 -3.54 7.79
C GLY B 116 21.91 -4.61 7.11
N SER B 117 20.70 -4.81 7.63
CA SER B 117 19.78 -5.81 7.11
C SER B 117 19.02 -5.29 5.89
N LEU B 118 18.40 -6.22 5.16
CA LEU B 118 17.67 -5.82 3.97
C LEU B 118 16.52 -4.87 4.30
N VAL B 119 15.81 -5.14 5.40
CA VAL B 119 14.68 -4.29 5.74
C VAL B 119 15.20 -2.89 6.10
N GLU B 120 16.33 -2.85 6.78
CA GLU B 120 17.00 -1.60 7.07
C GLU B 120 17.32 -0.85 5.76
N PHE B 121 17.90 -1.56 4.80
CA PHE B 121 18.19 -0.98 3.48
C PHE B 121 16.93 -0.42 2.81
N MET B 122 15.88 -1.24 2.74
CA MET B 122 14.66 -0.86 2.05
C MET B 122 14.02 0.36 2.70
N LEU B 123 14.00 0.39 4.03
CA LEU B 123 13.41 1.53 4.74
C LEU B 123 14.23 2.80 4.54
N LYS B 124 15.55 2.68 4.68
CA LYS B 124 16.43 3.84 4.44
C LYS B 124 16.30 4.40 3.03
N GLU B 125 16.35 3.53 2.03
CA GLU B 125 16.15 3.95 0.64
C GLU B 125 14.81 4.64 0.43
N THR B 126 13.76 4.10 1.07
CA THR B 126 12.44 4.68 0.88
C THR B 126 12.33 6.02 1.60
N GLU B 127 12.94 6.12 2.78
CA GLU B 127 12.94 7.41 3.49
C GLU B 127 13.73 8.49 2.72
N THR B 128 14.81 8.08 2.06
CA THR B 128 15.56 9.02 1.23
C THR B 128 14.69 9.55 0.08
N LEU B 129 13.95 8.66 -0.57
CA LEU B 129 13.08 9.09 -1.66
C LEU B 129 12.00 10.04 -1.14
N HIS B 130 11.30 9.61 -0.10
CA HIS B 130 10.17 10.36 0.42
C HIS B 130 10.59 11.69 1.06
N ALA B 131 11.74 11.71 1.73
CA ALA B 131 12.24 12.97 2.28
C ALA B 131 12.46 14.00 1.17
N LYS B 132 12.93 13.54 0.02
CA LYS B 132 13.20 14.43 -1.11
C LYS B 132 11.94 15.17 -1.55
N VAL B 133 10.79 14.50 -1.43
CA VAL B 133 9.52 15.09 -1.83
C VAL B 133 8.67 15.48 -0.61
N ARG B 134 9.36 15.81 0.48
CA ARG B 134 8.82 16.56 1.62
C ARG B 134 7.96 15.78 2.61
N ARG B 135 8.03 14.45 2.62
CA ARG B 135 7.20 13.68 3.52
C ARG B 135 7.34 14.10 4.99
N TYR B 136 8.59 14.26 5.42
CA TYR B 136 8.87 14.44 6.85
C TYR B 136 8.72 15.89 7.29
N GLN B 137 8.34 16.75 6.34
CA GLN B 137 7.94 18.12 6.69
CA GLN B 137 7.93 18.12 6.66
C GLN B 137 6.53 18.12 7.26
N ALA B 138 5.77 17.05 6.99
CA ALA B 138 4.47 16.89 7.59
C ALA B 138 4.65 16.58 9.08
N PRO B 139 3.89 17.26 9.95
CA PRO B 139 4.10 17.04 11.38
C PRO B 139 3.71 15.63 11.85
N ASP B 140 2.88 14.91 11.08
CA ASP B 140 2.47 13.56 11.49
C ASP B 140 3.38 12.48 10.93
N GLU B 141 4.38 12.86 10.13
CA GLU B 141 5.27 11.88 9.50
C GLU B 141 6.67 11.91 10.13
N HIS B 142 7.09 10.77 10.68
CA HIS B 142 8.31 10.67 11.48
C HIS B 142 9.28 9.65 10.88
N PRO B 143 10.51 10.09 10.56
CA PRO B 143 11.46 9.15 9.96
C PRO B 143 12.00 8.17 10.98
N PHE B 144 12.28 6.95 10.53
CA PHE B 144 12.94 5.96 11.39
C PHE B 144 14.44 6.23 11.45
N PHE B 145 14.98 6.87 10.41
CA PHE B 145 16.41 7.22 10.42
C PHE B 145 16.63 8.73 10.23
N PRO B 146 16.31 9.51 11.28
CA PRO B 146 16.43 10.97 11.21
C PRO B 146 17.88 11.44 11.04
N GLU B 147 18.84 10.64 11.51
CA GLU B 147 20.26 10.95 11.37
C GLU B 147 20.71 10.86 9.91
N ASP B 148 19.95 10.10 9.11
CA ASP B 148 20.26 9.91 7.70
C ASP B 148 19.27 10.69 6.83
N LEU B 149 18.50 11.57 7.44
CA LEU B 149 17.44 12.29 6.74
C LEU B 149 18.02 13.15 5.63
N SER B 150 17.55 12.93 4.40
CA SER B 150 18.08 13.69 3.27
C SER B 150 17.25 14.95 3.03
N GLN B 151 17.84 15.90 2.31
CA GLN B 151 17.23 17.19 2.03
C GLN B 151 16.13 17.10 0.99
N PRO B 152 15.02 17.85 1.21
CA PRO B 152 13.94 17.93 0.21
C PRO B 152 14.44 18.48 -1.13
N ARG B 161 2.77 24.93 12.18
CA ARG B 161 2.61 25.41 13.55
C ARG B 161 1.35 24.79 14.16
N VAL B 162 0.99 23.61 13.66
CA VAL B 162 -0.09 22.84 14.25
C VAL B 162 0.25 22.46 15.69
N LEU B 163 1.48 22.05 15.91
CA LEU B 163 1.91 21.57 17.21
C LEU B 163 2.91 22.51 17.89
N HIS B 164 2.98 22.41 19.20
CA HIS B 164 4.02 23.06 19.99
C HIS B 164 5.37 22.55 19.50
N PRO B 165 6.37 23.44 19.39
CA PRO B 165 7.71 23.08 18.92
C PRO B 165 8.32 21.85 19.60
N ALA B 166 7.87 21.52 20.80
CA ALA B 166 8.39 20.35 21.50
C ALA B 166 8.06 19.03 20.80
N ALA B 167 7.04 19.05 19.93
CA ALA B 167 6.64 17.85 19.21
C ALA B 167 7.77 17.35 18.32
N GLU B 168 8.54 18.29 17.78
CA GLU B 168 9.57 17.97 16.80
C GLU B 168 10.64 17.05 17.39
N LYS B 169 10.76 17.05 18.71
CA LYS B 169 11.79 16.29 19.41
C LYS B 169 11.30 14.88 19.77
N ILE B 170 9.99 14.69 19.75
CA ILE B 170 9.39 13.42 20.19
C ILE B 170 9.24 12.46 19.02
N ASN B 171 9.95 11.34 19.11
CA ASN B 171 9.97 10.33 18.05
C ASN B 171 10.38 9.01 18.69
N ILE B 172 9.42 8.13 18.86
CA ILE B 172 9.70 6.86 19.50
C ILE B 172 9.76 5.71 18.49
N ASN B 173 10.21 6.02 17.28
CA ASN B 173 10.29 5.01 16.22
C ASN B 173 11.21 3.83 16.58
N LYS B 174 12.20 4.06 17.46
CA LYS B 174 13.06 2.95 17.85
C LYS B 174 12.25 1.85 18.56
N SER B 175 11.34 2.25 19.44
CA SER B 175 10.52 1.27 20.14
C SER B 175 9.53 0.59 19.20
N ILE B 176 9.04 1.33 18.21
CA ILE B 176 8.11 0.76 17.22
C ILE B 176 8.83 -0.25 16.33
N TRP B 177 10.04 0.10 15.92
CA TRP B 177 10.92 -0.78 15.14
C TRP B 177 11.16 -2.11 15.85
N SER B 178 11.56 -2.05 17.13
CA SER B 178 11.81 -3.26 17.90
C SER B 178 10.55 -4.10 18.10
N MET B 179 9.44 -3.45 18.45
CA MET B 179 8.17 -4.13 18.62
C MET B 179 7.72 -4.86 17.34
N TYR B 180 7.81 -4.17 16.21
CA TYR B 180 7.36 -4.77 14.97
C TYR B 180 8.18 -6.01 14.62
N LEU B 181 9.50 -5.86 14.62
CA LEU B 181 10.40 -6.89 14.12
C LEU B 181 10.60 -8.06 15.10
N GLN B 182 10.57 -7.78 16.39
CA GLN B 182 10.92 -8.81 17.37
C GLN B 182 9.71 -9.38 18.09
N ASP B 183 8.61 -8.63 18.10
CA ASP B 183 7.42 -9.11 18.80
C ASP B 183 6.29 -9.48 17.83
N LEU B 184 5.84 -8.51 17.05
CA LEU B 184 4.71 -8.71 16.15
C LEU B 184 4.99 -9.69 14.99
N LEU B 185 6.07 -9.43 14.25
CA LEU B 185 6.31 -10.15 13.00
C LEU B 185 6.36 -11.68 13.16
N PRO B 186 7.09 -12.19 14.19
CA PRO B 186 7.04 -13.66 14.39
C PRO B 186 5.64 -14.21 14.69
N LYS B 187 4.75 -13.41 15.26
CA LYS B 187 3.38 -13.85 15.51
C LYS B 187 2.52 -13.76 14.26
N LEU B 188 2.87 -12.82 13.40
CA LEU B 188 2.09 -12.52 12.20
C LEU B 188 2.32 -13.52 11.07
N THR B 189 3.52 -14.07 11.00
CA THR B 189 3.94 -14.82 9.82
C THR B 189 4.28 -16.28 10.14
N VAL B 190 4.21 -17.13 9.12
CA VAL B 190 4.63 -18.52 9.22
C VAL B 190 6.15 -18.52 9.34
N PRO B 191 6.70 -19.32 10.27
CA PRO B 191 8.14 -19.27 10.59
C PRO B 191 9.15 -19.56 9.46
N ASP B 192 8.73 -20.17 8.33
CA ASP B 192 9.73 -20.57 7.33
C ASP B 192 10.18 -19.44 6.39
N ASP B 193 10.83 -19.81 5.29
CA ASP B 193 11.38 -18.86 4.33
C ASP B 193 10.88 -19.18 2.93
N ASP B 194 10.12 -18.29 2.32
CA ASP B 194 9.58 -18.57 0.98
C ASP B 194 10.36 -17.86 -0.12
N GLY B 195 11.48 -17.24 0.24
CA GLY B 195 12.33 -16.57 -0.74
C GLY B 195 11.88 -15.17 -1.16
N ASN B 196 10.68 -14.75 -0.77
CA ASN B 196 10.15 -13.46 -1.22
C ASN B 196 10.64 -12.28 -0.37
N TYR B 197 11.95 -12.09 -0.36
CA TYR B 197 12.60 -11.06 0.46
C TYR B 197 12.19 -9.65 0.08
N GLY B 198 12.06 -9.42 -1.22
CA GLY B 198 11.63 -8.13 -1.75
C GLY B 198 10.21 -7.75 -1.35
N SER B 199 9.26 -8.64 -1.58
CA SER B 199 7.88 -8.35 -1.20
C SER B 199 7.73 -8.19 0.30
N ALA B 200 8.39 -9.07 1.06
CA ALA B 200 8.29 -9.03 2.51
C ALA B 200 8.80 -7.69 3.06
N SER B 201 9.94 -7.25 2.56
CA SER B 201 10.56 -6.03 3.10
C SER B 201 9.77 -4.77 2.68
N VAL B 202 9.27 -4.75 1.45
CA VAL B 202 8.40 -3.66 1.00
C VAL B 202 7.16 -3.58 1.91
N CYS B 203 6.57 -4.74 2.21
CA CYS B 203 5.43 -4.79 3.12
C CYS B 203 5.83 -4.34 4.54
N ASP B 204 7.02 -4.76 4.98
CA ASP B 204 7.52 -4.33 6.30
C ASP B 204 7.55 -2.79 6.40
N VAL B 205 8.11 -2.15 5.38
CA VAL B 205 8.24 -0.71 5.34
C VAL B 205 6.87 -0.05 5.49
N LEU B 206 5.86 -0.55 4.79
CA LEU B 206 4.53 0.04 4.87
C LEU B 206 3.90 -0.17 6.25
N CYS B 207 4.10 -1.34 6.84
CA CYS B 207 3.64 -1.61 8.21
C CYS B 207 4.26 -0.63 9.21
N LEU B 208 5.57 -0.46 9.09
CA LEU B 208 6.33 0.40 10.00
C LEU B 208 5.85 1.84 9.89
N GLN B 209 5.66 2.32 8.66
CA GLN B 209 5.24 3.70 8.46
C GLN B 209 3.83 3.90 8.98
N ALA B 210 2.98 2.89 8.81
CA ALA B 210 1.59 3.03 9.28
C ALA B 210 1.53 3.00 10.81
N LEU B 211 2.30 2.10 11.42
CA LEU B 211 2.37 2.06 12.88
C LEU B 211 2.90 3.38 13.45
N SER B 212 3.96 3.88 12.84
CA SER B 212 4.57 5.15 13.27
C SER B 212 3.60 6.32 13.20
N LYS B 213 2.93 6.49 12.07
CA LYS B 213 1.97 7.60 11.93
C LYS B 213 0.88 7.50 13.00
N ARG B 214 0.30 6.32 13.15
CA ARG B 214 -0.77 6.13 14.13
C ARG B 214 -0.32 6.42 15.56
N ILE B 215 0.81 5.86 15.95
CA ILE B 215 1.24 5.99 17.33
C ILE B 215 1.59 7.45 17.65
N HIS B 216 2.25 8.12 16.71
CA HIS B 216 2.65 9.51 16.90
C HIS B 216 1.46 10.47 16.77
N TYR B 217 0.39 9.98 16.14
CA TYR B 217 -0.80 10.80 15.95
C TYR B 217 -1.30 11.39 17.27
N GLY B 218 -1.09 10.65 18.35
CA GLY B 218 -1.52 11.09 19.67
C GLY B 218 -1.24 12.57 19.84
N LYS B 219 -0.14 13.03 19.25
CA LYS B 219 0.24 14.43 19.33
C LYS B 219 -0.94 15.36 18.99
N PHE B 220 -1.66 15.01 17.94
CA PHE B 220 -2.75 15.86 17.47
C PHE B 220 -3.95 15.77 18.38
N VAL B 221 -4.25 14.57 18.89
CA VAL B 221 -5.29 14.41 19.90
C VAL B 221 -4.98 15.26 21.11
N ALA B 222 -3.75 15.19 21.59
CA ALA B 222 -3.37 15.90 22.80
C ALA B 222 -3.45 17.41 22.60
N GLU B 223 -2.97 17.89 21.46
CA GLU B 223 -3.00 19.32 21.18
C GLU B 223 -4.43 19.82 21.07
N ALA B 224 -5.29 19.11 20.34
CA ALA B 224 -6.68 19.54 20.19
C ALA B 224 -7.39 19.52 21.54
N LYS B 225 -7.10 18.52 22.37
CA LYS B 225 -7.71 18.47 23.71
C LYS B 225 -7.20 19.62 24.58
N PHE B 226 -5.91 19.95 24.46
CA PHE B 226 -5.33 21.04 25.25
C PHE B 226 -5.91 22.38 24.82
N ILE B 227 -5.94 22.61 23.51
CA ILE B 227 -6.50 23.84 22.96
C ILE B 227 -7.92 24.06 23.44
N GLU B 228 -8.71 23.00 23.46
CA GLU B 228 -10.12 23.14 23.80
C GLU B 228 -10.33 23.40 25.29
N ASP B 229 -9.48 22.83 26.13
CA ASP B 229 -9.69 22.92 27.59
C ASP B 229 -8.35 22.90 28.33
N PRO B 230 -7.60 24.03 28.26
CA PRO B 230 -6.23 24.05 28.77
C PRO B 230 -6.16 23.84 30.27
N ALA B 231 -7.15 24.37 30.98
CA ALA B 231 -7.23 24.27 32.43
C ALA B 231 -7.30 22.83 32.91
N ARG B 232 -7.73 21.92 32.03
CA ARG B 232 -7.80 20.51 32.39
C ARG B 232 -6.40 19.94 32.61
N PHE B 233 -5.42 20.45 31.87
CA PHE B 233 -4.08 19.87 31.89
C PHE B 233 -3.03 20.75 32.57
N GLU B 234 -3.23 22.06 32.53
CA GLU B 234 -2.21 23.02 32.96
C GLU B 234 -1.62 22.73 34.34
N GLY B 235 -2.46 22.30 35.27
CA GLY B 235 -2.02 21.98 36.61
C GLY B 235 -1.10 20.78 36.60
N HIS B 236 -1.48 19.75 35.85
CA HIS B 236 -0.68 18.53 35.78
C HIS B 236 0.65 18.81 35.11
N ILE B 237 0.63 19.69 34.12
CA ILE B 237 1.85 20.02 33.40
C ILE B 237 2.80 20.83 34.28
N LYS B 238 2.25 21.78 35.04
CA LYS B 238 3.05 22.58 35.96
C LYS B 238 3.68 21.68 37.01
N ALA B 239 2.99 20.61 37.35
CA ALA B 239 3.45 19.65 38.34
C ALA B 239 4.31 18.55 37.72
N GLN B 240 4.37 18.51 36.39
CA GLN B 240 5.03 17.43 35.66
C GLN B 240 4.54 16.08 36.17
N ASP B 241 3.22 15.96 36.32
CA ASP B 241 2.61 14.73 36.80
C ASP B 241 2.12 13.92 35.61
N GLY B 242 3.02 13.15 35.00
CA GLY B 242 2.69 12.38 33.82
C GLY B 242 1.59 11.35 34.06
N ASP B 243 1.61 10.72 35.23
CA ASP B 243 0.61 9.73 35.57
C ASP B 243 -0.80 10.32 35.60
N ALA B 244 -0.90 11.53 36.12
CA ALA B 244 -2.18 12.24 36.15
C ALA B 244 -2.67 12.56 34.75
N ILE B 245 -1.76 13.01 33.90
CA ILE B 245 -2.10 13.27 32.51
C ILE B 245 -2.56 11.97 31.84
N LEU B 246 -1.85 10.88 32.11
CA LEU B 246 -2.20 9.58 31.54
C LEU B 246 -3.60 9.13 31.94
N ARG B 247 -3.95 9.34 33.21
CA ARG B 247 -5.29 9.01 33.68
C ARG B 247 -6.34 9.85 32.96
N GLU B 248 -6.04 11.12 32.73
CA GLU B 248 -6.95 12.02 32.03
C GLU B 248 -7.22 11.52 30.60
N LEU B 249 -6.21 10.91 29.99
CA LEU B 249 -6.29 10.47 28.60
C LEU B 249 -6.90 9.09 28.45
N THR B 250 -7.15 8.41 29.57
CA THR B 250 -7.56 7.01 29.52
C THR B 250 -9.07 6.84 29.63
N PHE B 251 -9.67 6.28 28.59
CA PHE B 251 -11.08 5.92 28.56
C PHE B 251 -11.20 4.44 28.26
N LYS B 252 -11.29 3.61 29.30
CA LYS B 252 -11.18 2.16 29.14
C LYS B 252 -12.28 1.54 28.28
N ASN B 253 -13.53 1.97 28.47
CA ASN B 253 -14.62 1.50 27.63
C ASN B 253 -14.40 1.80 26.16
N VAL B 254 -13.90 3.00 25.88
CA VAL B 254 -13.61 3.36 24.48
C VAL B 254 -12.50 2.46 23.93
N GLU B 255 -11.49 2.21 24.74
CA GLU B 255 -10.38 1.34 24.34
C GLU B 255 -10.86 -0.09 24.08
N ASP B 256 -11.71 -0.60 24.95
CA ASP B 256 -12.28 -1.94 24.76
C ASP B 256 -13.05 -2.04 23.44
N ASN B 257 -13.80 -1.00 23.09
CA ASN B 257 -14.50 -1.02 21.80
C ASN B 257 -13.53 -0.95 20.62
N VAL B 258 -12.46 -0.18 20.76
CA VAL B 258 -11.44 -0.16 19.70
C VAL B 258 -10.89 -1.58 19.48
N LYS B 259 -10.53 -2.25 20.56
CA LYS B 259 -10.01 -3.62 20.46
C LYS B 259 -11.00 -4.54 19.74
N ARG B 260 -12.26 -4.46 20.15
CA ARG B 260 -13.33 -5.26 19.56
C ARG B 260 -13.49 -4.94 18.06
N ARG B 261 -13.47 -3.66 17.73
CA ARG B 261 -13.70 -3.24 16.35
C ARG B 261 -12.55 -3.70 15.44
N VAL B 262 -11.33 -3.48 15.91
CA VAL B 262 -10.13 -3.87 15.16
C VAL B 262 -10.10 -5.38 14.89
N ALA B 263 -10.40 -6.20 15.92
CA ALA B 263 -10.48 -7.65 15.71
C ALA B 263 -11.52 -8.00 14.65
N ASN B 264 -12.67 -7.35 14.74
CA ASN B 264 -13.76 -7.60 13.79
C ASN B 264 -13.42 -7.13 12.37
N LYS B 265 -12.64 -6.05 12.29
CA LYS B 265 -12.17 -5.59 10.97
C LYS B 265 -11.20 -6.59 10.32
N ALA B 266 -10.28 -7.12 11.14
CA ALA B 266 -9.41 -8.21 10.70
C ALA B 266 -10.23 -9.44 10.28
N ARG B 267 -11.24 -9.77 11.08
CA ARG B 267 -12.08 -10.92 10.84
C ARG B 267 -12.84 -10.79 9.51
N ALA B 268 -13.13 -9.56 9.11
CA ALA B 268 -13.85 -9.32 7.87
C ALA B 268 -13.12 -9.85 6.63
N TYR B 269 -11.79 -9.93 6.69
CA TYR B 269 -11.03 -10.43 5.55
C TYR B 269 -11.15 -11.96 5.40
N GLY B 270 -11.71 -12.62 6.41
CA GLY B 270 -12.00 -14.04 6.28
C GLY B 270 -10.79 -14.95 6.26
N GLN B 271 -10.98 -16.13 5.71
CA GLN B 271 -10.01 -17.21 5.81
C GLN B 271 -9.29 -17.46 4.49
N GLU B 272 -8.05 -17.91 4.57
CA GLU B 272 -7.30 -18.24 3.36
C GLU B 272 -7.79 -19.54 2.73
N ARG B 283 -5.47 -19.84 10.30
CA ARG B 283 -6.73 -19.96 9.59
C ARG B 283 -7.10 -18.65 8.90
N TYR B 284 -7.24 -17.59 9.70
CA TYR B 284 -7.60 -16.27 9.16
C TYR B 284 -6.45 -15.63 8.41
N LYS B 285 -6.78 -14.90 7.35
CA LYS B 285 -5.80 -14.13 6.59
C LYS B 285 -5.04 -13.14 7.46
N ILE B 286 -5.76 -12.45 8.35
CA ILE B 286 -5.13 -11.63 9.37
C ILE B 286 -5.85 -11.93 10.70
N ASP B 287 -5.12 -12.54 11.63
CA ASP B 287 -5.75 -13.10 12.82
C ASP B 287 -6.39 -12.01 13.68
N PRO B 288 -7.71 -12.13 13.92
CA PRO B 288 -8.42 -11.09 14.67
C PRO B 288 -7.83 -10.86 16.07
N ASP B 289 -7.47 -11.93 16.77
CA ASP B 289 -6.95 -11.77 18.13
C ASP B 289 -5.58 -11.10 18.13
N LEU B 290 -4.80 -11.32 17.07
CA LEU B 290 -3.51 -10.68 16.95
C LEU B 290 -3.69 -9.19 16.72
N ALA B 291 -4.64 -8.83 15.85
CA ALA B 291 -4.91 -7.43 15.59
C ALA B 291 -5.41 -6.74 16.87
N GLY B 292 -6.31 -7.40 17.58
CA GLY B 292 -6.84 -6.84 18.82
C GLY B 292 -5.76 -6.64 19.88
N ALA B 293 -4.90 -7.64 20.02
CA ALA B 293 -3.81 -7.60 20.99
C ALA B 293 -2.79 -6.50 20.64
N LEU B 294 -2.46 -6.39 19.37
CA LEU B 294 -1.56 -5.33 18.91
C LEU B 294 -2.06 -3.96 19.35
N TYR B 295 -3.35 -3.72 19.16
CA TYR B 295 -3.91 -2.44 19.56
C TYR B 295 -3.94 -2.27 21.08
N GLU B 296 -4.29 -3.31 21.82
CA GLU B 296 -4.45 -3.17 23.27
C GLU B 296 -3.11 -3.13 24.00
N ASP B 297 -2.16 -3.95 23.57
CA ASP B 297 -0.87 -4.08 24.27
C ASP B 297 0.16 -3.04 23.85
N TRP B 298 0.05 -2.57 22.61
CA TRP B 298 1.09 -1.68 22.06
C TRP B 298 0.57 -0.37 21.48
N VAL B 299 -0.36 -0.43 20.53
CA VAL B 299 -0.72 0.79 19.81
C VAL B 299 -1.33 1.81 20.78
N MET B 300 -2.33 1.44 21.57
CA MET B 300 -2.93 2.43 22.46
C MET B 300 -2.01 2.83 23.63
N PRO B 301 -1.29 1.89 24.26
CA PRO B 301 -0.31 2.37 25.25
C PRO B 301 0.78 3.30 24.71
N LEU B 302 1.33 3.03 23.54
CA LEU B 302 2.43 3.85 23.02
C LEU B 302 1.94 5.24 22.57
N THR B 303 0.73 5.32 22.04
CA THR B 303 0.20 6.64 21.66
CA THR B 303 0.13 6.63 21.69
C THR B 303 -0.02 7.49 22.92
N LYS B 304 -0.44 6.86 24.03
CA LYS B 304 -0.57 7.54 25.31
C LYS B 304 0.77 8.06 25.80
N GLN B 305 1.78 7.20 25.69
CA GLN B 305 3.14 7.58 26.07
C GLN B 305 3.60 8.80 25.28
N VAL B 306 3.25 8.85 23.99
CA VAL B 306 3.59 10.02 23.17
C VAL B 306 2.82 11.26 23.62
N GLN B 307 1.53 11.09 23.85
CA GLN B 307 0.66 12.17 24.34
C GLN B 307 1.15 12.79 25.65
N VAL B 308 1.53 11.94 26.61
CA VAL B 308 2.05 12.44 27.88
C VAL B 308 3.36 13.19 27.68
N ALA B 309 4.26 12.61 26.89
CA ALA B 309 5.54 13.26 26.58
C ALA B 309 5.33 14.65 25.97
N TYR B 310 4.33 14.77 25.08
CA TYR B 310 4.01 16.03 24.44
C TYR B 310 3.43 17.06 25.42
N LEU B 311 2.37 16.67 26.12
CA LEU B 311 1.72 17.58 27.06
C LEU B 311 2.63 18.09 28.18
N LEU B 312 3.54 17.24 28.64
CA LEU B 312 4.48 17.64 29.69
C LEU B 312 5.32 18.85 29.28
N ARG B 313 5.46 19.07 27.97
CA ARG B 313 6.32 20.12 27.44
C ARG B 313 5.51 21.26 26.81
N ARG B 314 4.18 21.15 26.89
CA ARG B 314 3.27 22.03 26.18
C ARG B 314 3.24 23.46 26.75
N LEU B 315 3.68 23.63 27.98
CA LEU B 315 3.74 24.97 28.57
C LEU B 315 5.12 25.60 28.46
N ASP B 316 6.02 24.95 27.73
CA ASP B 316 7.34 25.53 27.51
C ASP B 316 7.26 26.70 26.53
N TRP C . 0.63 14.21 2.51
CA TRP C . 1.82 15.05 2.52
C TRP C . 2.31 15.36 1.11
O TRP C . 3.25 16.14 0.96
CB TRP C . 2.94 14.38 3.32
CG TRP C . 3.23 12.98 2.86
CD1 TRP C . 2.66 11.83 3.31
CD2 TRP C . 4.15 12.59 1.82
NE1 TRP C . 3.17 10.75 2.64
CE2 TRP C . 4.09 11.19 1.73
CE3 TRP C . 5.02 13.29 0.99
CZ2 TRP C . 4.85 10.47 0.81
CZ3 TRP C . 5.79 12.58 0.10
CH2 TRP C . 5.70 11.18 0.01
OXT TRP C . 1.79 14.84 0.12
N TRP D . 9.13 -12.53 -5.50
CA TRP D . 10.36 -11.76 -5.44
C TRP D . 10.57 -11.18 -4.05
O TRP D . 9.59 -10.94 -3.34
CB TRP D . 10.35 -10.65 -6.49
CG TRP D . 9.16 -9.74 -6.36
CD1 TRP D . 7.90 -9.98 -6.84
CD2 TRP D . 9.12 -8.45 -5.74
NE1 TRP D . 7.07 -8.92 -6.54
CE2 TRP D . 7.79 -7.96 -5.87
CE3 TRP D . 10.07 -7.65 -5.10
CZ2 TRP D . 7.40 -6.73 -5.37
CZ3 TRP D . 9.69 -6.42 -4.61
CH2 TRP D . 8.36 -5.97 -4.74
OXT TRP D . 11.72 -10.93 -3.64
N1 EPE E . -1.49 5.54 3.06
C2 EPE E . -2.40 4.58 2.42
C3 EPE E . -1.93 4.38 0.97
N4 EPE E . -0.49 4.17 0.86
C5 EPE E . 0.41 4.82 1.79
C6 EPE E . -0.19 4.89 3.19
C7 EPE E . 0.03 3.95 -0.47
C8 EPE E . 1.31 3.15 -0.42
O8 EPE E . 1.08 1.87 -0.98
C9 EPE E . -1.94 5.93 4.41
C10 EPE E . -3.33 6.56 4.39
S EPE E . -3.87 7.01 6.06
O1S EPE E . -4.72 8.20 5.97
O2S EPE E . -2.72 7.29 6.90
O3S EPE E . -4.64 5.91 6.63
#